data_8BJL
#
_entry.id   8BJL
#
_cell.length_a   47.073
_cell.length_b   66.280
_cell.length_c   49.342
_cell.angle_alpha   90.000
_cell.angle_beta   92.660
_cell.angle_gamma   90.000
#
_symmetry.space_group_name_H-M   'P 1 21 1'
#
loop_
_entity.id
_entity.type
_entity.pdbx_description
1 polymer 'aldose reductase'
2 non-polymer 'NADP NICOTINAMIDE-ADENINE-DINUCLEOTIDE PHOSPHATE'
3 non-polymer '2-(6-fluoranylindol-1-yl)ethanoic acid'
4 non-polymer 'DIMETHYL SULFOXIDE'
5 non-polymer 'CITRIC ACID'
6 non-polymer DI(HYDROXYETHYL)ETHER
7 water water
#
_entity_poly.entity_id   1
_entity_poly.type   'polypeptide(L)'
_entity_poly.pdbx_seq_one_letter_code
;MASRILLNNGAKMPILGLGTWKSPPGQVTEAVKVAIDVGYRHIDCAHVYQNENEVGVAIQEKLREQVVKREELFIVSKLW
CTYHEKGLVKGACQKTLSDLKLDYLDLYLIHWPTGFKPGKEFFPLDESGNVVPSDTNILDTWAAMEELVDEGLVKAIGIS
NFNHLQVEMILNKPGLKYKPAVNQIECHPYLTQEKLIQYCQSKGIVVTAYSPLGSPDRPWAKPEDPSLLEDPRIKAIAAK
HNKTTAQVLIRFPMQRNLVVIPKSVTPERIAENFKVFDFELSSQDMTTLLSYNRNWRVCALLSCTSHKDYPFHEEF
;
_entity_poly.pdbx_strand_id   A
#
loop_
_chem_comp.id
_chem_comp.type
_chem_comp.name
_chem_comp.formula
CIT non-polymer 'CITRIC ACID' 'C6 H8 O7'
DMS non-polymer 'DIMETHYL SULFOXIDE' 'C2 H6 O S'
NAP non-polymer 'NADP NICOTINAMIDE-ADENINE-DINUCLEOTIDE PHOSPHATE' 'C21 H28 N7 O17 P3'
PEG non-polymer DI(HYDROXYETHYL)ETHER 'C4 H10 O3'
QXO non-polymer '2-(6-fluoranylindol-1-yl)ethanoic acid' 'C10 H8 F N O2'
#
# COMPACT_ATOMS: atom_id res chain seq x y z
N MET A 1 13.62 -16.92 4.22
CA MET A 1 12.32 -16.50 4.84
C MET A 1 11.16 -16.87 3.92
N ALA A 2 10.05 -17.29 4.52
CA ALA A 2 8.87 -17.64 3.74
C ALA A 2 8.43 -16.45 2.90
N SER A 3 7.93 -16.74 1.71
CA SER A 3 7.60 -15.68 0.78
C SER A 3 6.22 -15.07 0.99
N ARG A 4 5.32 -15.72 1.72
CA ARG A 4 3.95 -15.24 1.89
C ARG A 4 3.54 -15.26 3.36
N ILE A 5 2.58 -14.39 3.69
CA ILE A 5 2.02 -14.29 5.03
C ILE A 5 0.53 -14.60 4.96
N LEU A 6 0.04 -15.34 5.94
CA LEU A 6 -1.35 -15.77 5.97
C LEU A 6 -2.22 -14.62 6.49
N LEU A 7 -3.22 -14.25 5.70
CA LEU A 7 -4.18 -13.23 6.07
C LEU A 7 -5.35 -13.84 6.83
N ASN A 8 -6.09 -12.97 7.50
CA ASN A 8 -7.26 -13.39 8.28
C ASN A 8 -8.47 -13.72 7.41
N ASN A 9 -8.35 -13.70 6.08
CA ASN A 9 -9.36 -14.26 5.20
C ASN A 9 -8.97 -15.65 4.69
N GLY A 10 -7.86 -16.22 5.18
CA GLY A 10 -7.44 -17.54 4.76
C GLY A 10 -6.53 -17.59 3.55
N ALA A 11 -6.28 -16.45 2.90
CA ALA A 11 -5.42 -16.39 1.73
C ALA A 11 -4.01 -15.99 2.13
N LYS A 12 -3.04 -16.32 1.28
CA LYS A 12 -1.64 -15.99 1.52
C LYS A 12 -1.23 -14.82 0.64
N MET A 13 -0.52 -13.86 1.24
CA MET A 13 -0.12 -12.63 0.57
C MET A 13 1.40 -12.56 0.45
N PRO A 14 1.94 -12.37 -0.75
CA PRO A 14 3.40 -12.24 -0.87
C PRO A 14 3.92 -11.03 -0.10
N ILE A 15 4.98 -11.26 0.67
CA ILE A 15 5.52 -10.21 1.54
C ILE A 15 6.28 -9.15 0.77
N LEU A 16 6.69 -9.40 -0.47
CA LEU A 16 7.32 -8.40 -1.30
C LEU A 16 6.40 -8.14 -2.50
N GLY A 17 6.07 -6.87 -2.71
CA GLY A 17 5.33 -6.47 -3.88
C GLY A 17 5.98 -5.28 -4.55
N LEU A 18 5.50 -4.99 -5.76
CA LEU A 18 5.96 -3.86 -6.56
C LEU A 18 5.01 -2.67 -6.40
N GLY A 19 5.55 -1.53 -5.97
CA GLY A 19 4.78 -0.30 -5.94
C GLY A 19 4.68 0.35 -7.32
N THR A 20 3.61 1.13 -7.52
CA THR A 20 3.34 1.75 -8.82
C THR A 20 2.97 3.24 -8.74
N TRP A 21 2.98 3.85 -7.56
CA TRP A 21 2.75 5.29 -7.50
C TRP A 21 3.93 6.02 -8.15
N LYS A 22 3.62 6.92 -9.07
CA LYS A 22 4.57 7.74 -9.82
C LYS A 22 5.22 6.97 -10.96
N SER A 23 4.91 5.69 -11.16
CA SER A 23 5.48 4.96 -12.30
C SER A 23 4.87 5.51 -13.56
N PRO A 24 5.64 6.08 -14.48
CA PRO A 24 5.02 6.74 -15.63
C PRO A 24 4.24 5.74 -16.46
N PRO A 25 3.11 6.14 -17.04
CA PRO A 25 2.31 5.19 -17.80
C PRO A 25 3.07 4.57 -18.97
N GLY A 26 4.04 5.28 -19.55
CA GLY A 26 4.84 4.75 -20.63
C GLY A 26 5.96 3.82 -20.22
N GLN A 27 6.18 3.67 -18.90
CA GLN A 27 7.21 2.79 -18.39
C GLN A 27 6.67 1.69 -17.48
N VAL A 28 5.44 1.80 -16.98
CA VAL A 28 4.99 0.87 -15.95
C VAL A 28 4.63 -0.50 -16.53
N THR A 29 4.22 -0.57 -17.80
CA THR A 29 3.95 -1.88 -18.38
C THR A 29 5.24 -2.71 -18.37
N GLU A 30 6.33 -2.13 -18.84
N GLU A 30 6.34 -2.14 -18.89
CA GLU A 30 7.61 -2.85 -18.84
CA GLU A 30 7.61 -2.86 -18.83
C GLU A 30 8.07 -3.15 -17.43
C GLU A 30 8.00 -3.18 -17.41
N ALA A 31 7.82 -2.24 -16.48
CA ALA A 31 8.23 -2.47 -15.11
C ALA A 31 7.53 -3.70 -14.52
N VAL A 32 6.22 -3.79 -14.71
CA VAL A 32 5.45 -4.89 -14.16
C VAL A 32 5.82 -6.20 -14.86
N LYS A 33 6.06 -6.16 -16.18
N LYS A 33 6.02 -6.16 -16.19
CA LYS A 33 6.47 -7.37 -16.89
CA LYS A 33 6.47 -7.34 -16.92
C LYS A 33 7.81 -7.90 -16.38
C LYS A 33 7.79 -7.88 -16.35
N VAL A 34 8.78 -7.00 -16.22
CA VAL A 34 10.06 -7.40 -15.66
C VAL A 34 9.88 -7.94 -14.25
N ALA A 35 9.09 -7.24 -13.43
CA ALA A 35 8.87 -7.68 -12.07
C ALA A 35 8.34 -9.12 -12.03
N ILE A 36 7.31 -9.41 -12.82
CA ILE A 36 6.77 -10.76 -12.84
C ILE A 36 7.83 -11.76 -13.29
N ASP A 37 8.62 -11.40 -14.30
CA ASP A 37 9.65 -12.31 -14.78
C ASP A 37 10.65 -12.66 -13.69
N VAL A 38 11.01 -11.70 -12.83
CA VAL A 38 12.05 -11.91 -11.83
C VAL A 38 11.52 -12.33 -10.47
N GLY A 39 10.22 -12.61 -10.38
CA GLY A 39 9.66 -13.27 -9.22
C GLY A 39 8.59 -12.53 -8.46
N TYR A 40 8.32 -11.26 -8.76
CA TYR A 40 7.25 -10.58 -8.04
C TYR A 40 5.92 -11.21 -8.39
N ARG A 41 5.09 -11.38 -7.36
CA ARG A 41 3.76 -11.94 -7.53
C ARG A 41 2.71 -11.04 -6.91
N HIS A 42 3.08 -9.88 -6.41
CA HIS A 42 2.21 -8.93 -5.73
C HIS A 42 2.50 -7.57 -6.35
N ILE A 43 1.47 -6.91 -6.85
CA ILE A 43 1.55 -5.57 -7.41
C ILE A 43 0.60 -4.68 -6.62
N ASP A 44 1.10 -3.52 -6.15
CA ASP A 44 0.30 -2.54 -5.43
C ASP A 44 -0.10 -1.42 -6.39
N CYS A 45 -1.42 -1.22 -6.52
CA CYS A 45 -2.01 -0.32 -7.50
C CYS A 45 -2.95 0.66 -6.82
N ALA A 46 -3.41 1.65 -7.58
CA ALA A 46 -4.50 2.50 -7.14
C ALA A 46 -5.07 3.28 -8.31
N HIS A 47 -6.40 3.49 -8.28
CA HIS A 47 -7.01 4.32 -9.32
C HIS A 47 -6.40 5.72 -9.37
N VAL A 48 -6.10 6.31 -8.21
CA VAL A 48 -5.58 7.68 -8.18
C VAL A 48 -4.20 7.78 -8.84
N TYR A 49 -3.49 6.66 -9.02
CA TYR A 49 -2.17 6.71 -9.66
C TYR A 49 -2.26 6.93 -11.17
N GLN A 50 -3.43 6.73 -11.76
CA GLN A 50 -3.72 7.03 -13.16
C GLN A 50 -2.90 6.16 -14.12
N ASN A 51 -2.52 4.97 -13.69
CA ASN A 51 -1.74 4.08 -14.54
C ASN A 51 -2.21 2.63 -14.43
N GLU A 52 -3.42 2.38 -13.93
CA GLU A 52 -3.88 1.00 -13.80
C GLU A 52 -4.08 0.34 -15.16
N ASN A 53 -4.49 1.09 -16.18
CA ASN A 53 -4.66 0.45 -17.49
C ASN A 53 -3.33 -0.18 -17.95
N GLU A 54 -2.25 0.57 -17.77
CA GLU A 54 -0.93 0.14 -18.23
C GLU A 54 -0.37 -0.99 -17.34
N VAL A 55 -0.63 -0.95 -16.04
CA VAL A 55 -0.33 -2.10 -15.19
C VAL A 55 -1.06 -3.33 -15.71
N GLY A 56 -2.34 -3.16 -16.04
CA GLY A 56 -3.15 -4.27 -16.50
C GLY A 56 -2.63 -4.90 -17.78
N VAL A 57 -2.12 -4.08 -18.71
CA VAL A 57 -1.54 -4.63 -19.93
C VAL A 57 -0.44 -5.64 -19.60
N ALA A 58 0.43 -5.27 -18.67
CA ALA A 58 1.52 -6.17 -18.27
C ALA A 58 0.98 -7.46 -17.64
N ILE A 59 0.07 -7.34 -16.69
CA ILE A 59 -0.47 -8.53 -16.02
C ILE A 59 -1.09 -9.45 -17.05
N GLN A 60 -1.89 -8.88 -17.94
CA GLN A 60 -2.60 -9.69 -18.93
C GLN A 60 -1.64 -10.38 -19.88
N GLU A 61 -0.59 -9.68 -20.32
N GLU A 61 -0.57 -9.68 -20.30
CA GLU A 61 0.38 -10.34 -21.19
CA GLU A 61 0.41 -10.30 -21.19
C GLU A 61 0.99 -11.54 -20.48
C GLU A 61 1.11 -11.48 -20.52
N LYS A 62 1.42 -11.37 -19.23
CA LYS A 62 2.07 -12.47 -18.52
C LYS A 62 1.10 -13.62 -18.24
N LEU A 63 -0.18 -13.31 -18.02
CA LEU A 63 -1.19 -14.38 -17.90
C LEU A 63 -1.38 -15.09 -19.23
N ARG A 64 -1.53 -14.33 -20.32
CA ARG A 64 -1.77 -14.91 -21.64
C ARG A 64 -0.60 -15.78 -22.07
N GLU A 65 0.62 -15.34 -21.80
CA GLU A 65 1.81 -16.10 -22.17
C GLU A 65 2.12 -17.22 -21.19
N GLN A 66 1.30 -17.40 -20.16
CA GLN A 66 1.45 -18.49 -19.20
C GLN A 66 2.78 -18.43 -18.46
N VAL A 67 3.25 -17.20 -18.23
CA VAL A 67 4.40 -16.97 -17.36
C VAL A 67 4.01 -17.22 -15.91
N VAL A 68 2.75 -16.91 -15.58
N VAL A 68 2.77 -16.85 -15.57
CA VAL A 68 2.21 -17.02 -14.23
CA VAL A 68 2.20 -17.05 -14.26
C VAL A 68 0.72 -17.28 -14.37
C VAL A 68 0.74 -17.43 -14.46
N LYS A 69 0.14 -18.00 -13.41
CA LYS A 69 -1.29 -18.22 -13.36
C LYS A 69 -1.95 -17.15 -12.49
N ARG A 70 -3.22 -16.85 -12.75
CA ARG A 70 -3.89 -15.81 -11.98
C ARG A 70 -3.88 -16.11 -10.49
N GLU A 71 -4.05 -17.39 -10.12
N GLU A 71 -4.05 -17.38 -10.11
CA GLU A 71 -4.07 -17.77 -8.71
CA GLU A 71 -4.09 -17.73 -8.70
C GLU A 71 -2.77 -17.40 -8.01
C GLU A 71 -2.75 -17.51 -8.00
N GLU A 72 -1.66 -17.37 -8.76
CA GLU A 72 -0.34 -17.09 -8.19
C GLU A 72 -0.08 -15.61 -8.01
N LEU A 73 -0.89 -14.75 -8.61
CA LEU A 73 -0.73 -13.32 -8.46
C LEU A 73 -1.58 -12.81 -7.30
N PHE A 74 -1.11 -11.72 -6.71
CA PHE A 74 -1.80 -11.04 -5.60
C PHE A 74 -1.87 -9.56 -5.98
N ILE A 75 -3.01 -9.16 -6.54
CA ILE A 75 -3.17 -7.80 -7.06
C ILE A 75 -3.99 -6.98 -6.08
N VAL A 76 -3.45 -5.83 -5.71
CA VAL A 76 -4.03 -4.92 -4.71
C VAL A 76 -4.39 -3.61 -5.40
N SER A 77 -5.58 -3.09 -5.12
CA SER A 77 -5.88 -1.71 -5.48
C SER A 77 -6.61 -1.04 -4.31
N LYS A 78 -7.01 0.21 -4.55
CA LYS A 78 -7.50 1.07 -3.48
C LYS A 78 -8.60 1.97 -4.01
N LEU A 79 -9.64 2.12 -3.18
CA LEU A 79 -10.79 2.98 -3.40
C LEU A 79 -10.40 4.43 -3.10
N TRP A 80 -10.49 5.31 -4.09
CA TRP A 80 -10.09 6.70 -3.87
C TRP A 80 -11.14 7.44 -3.03
N CYS A 81 -10.69 8.56 -2.46
CA CYS A 81 -11.46 9.31 -1.45
C CYS A 81 -12.76 9.89 -1.99
N THR A 82 -12.85 10.17 -3.29
CA THR A 82 -14.06 10.72 -3.90
C THR A 82 -15.11 9.66 -4.20
N TYR A 83 -14.88 8.41 -3.80
CA TYR A 83 -15.80 7.31 -4.06
C TYR A 83 -16.24 6.64 -2.76
N HIS A 84 -16.21 7.36 -1.63
CA HIS A 84 -16.62 6.74 -0.37
C HIS A 84 -18.13 6.52 -0.25
N GLU A 85 -18.95 7.26 -1.01
CA GLU A 85 -20.39 7.05 -0.95
C GLU A 85 -20.75 5.61 -1.31
N LYS A 86 -21.70 5.03 -0.59
CA LYS A 86 -21.99 3.61 -0.80
C LYS A 86 -22.38 3.32 -2.25
N GLY A 87 -23.10 4.23 -2.90
CA GLY A 87 -23.52 4.03 -4.28
C GLY A 87 -22.44 4.20 -5.33
N LEU A 88 -21.24 4.61 -4.95
CA LEU A 88 -20.12 4.77 -5.87
C LEU A 88 -19.06 3.69 -5.74
N VAL A 89 -19.08 2.92 -4.65
CA VAL A 89 -17.98 1.98 -4.37
C VAL A 89 -17.90 0.89 -5.44
N LYS A 90 -19.03 0.27 -5.80
CA LYS A 90 -18.98 -0.83 -6.76
C LYS A 90 -18.42 -0.36 -8.10
N GLY A 91 -18.89 0.79 -8.59
CA GLY A 91 -18.42 1.28 -9.87
C GLY A 91 -16.94 1.61 -9.85
N ALA A 92 -16.46 2.15 -8.72
CA ALA A 92 -15.03 2.44 -8.60
C ALA A 92 -14.21 1.17 -8.66
N CYS A 93 -14.68 0.13 -7.96
CA CYS A 93 -13.99 -1.15 -7.99
C CYS A 93 -14.02 -1.75 -9.39
N GLN A 94 -15.17 -1.69 -10.06
CA GLN A 94 -15.30 -2.26 -11.39
C GLN A 94 -14.45 -1.51 -12.42
N LYS A 95 -14.29 -0.19 -12.27
CA LYS A 95 -13.38 0.54 -13.16
C LYS A 95 -11.94 0.06 -12.97
N THR A 96 -11.51 -0.10 -11.72
CA THR A 96 -10.19 -0.66 -11.45
C THR A 96 -10.05 -2.06 -12.04
N LEU A 97 -11.08 -2.91 -11.89
CA LEU A 97 -11.00 -4.26 -12.44
C LEU A 97 -10.89 -4.22 -13.97
N SER A 98 -11.69 -3.37 -14.60
N SER A 98 -11.65 -3.32 -14.60
CA SER A 98 -11.62 -3.26 -16.05
CA SER A 98 -11.64 -3.26 -16.06
C SER A 98 -10.23 -2.82 -16.49
C SER A 98 -10.33 -2.69 -16.59
N ASP A 99 -9.70 -1.79 -15.84
CA ASP A 99 -8.39 -1.27 -16.21
C ASP A 99 -7.30 -2.32 -16.01
N LEU A 100 -7.34 -3.03 -14.88
CA LEU A 100 -6.33 -4.06 -14.59
C LEU A 100 -6.57 -5.34 -15.39
N LYS A 101 -7.72 -5.44 -16.07
CA LYS A 101 -8.10 -6.60 -16.89
C LYS A 101 -8.21 -7.87 -16.05
N LEU A 102 -8.88 -7.73 -14.92
CA LEU A 102 -9.07 -8.79 -13.95
C LEU A 102 -10.55 -8.97 -13.67
N ASP A 103 -10.91 -10.17 -13.21
N ASP A 103 -10.87 -10.18 -13.23
CA ASP A 103 -12.27 -10.40 -12.74
CA ASP A 103 -12.20 -10.49 -12.77
C ASP A 103 -12.38 -10.45 -11.22
C ASP A 103 -12.36 -10.27 -11.28
N TYR A 104 -11.26 -10.28 -10.51
CA TYR A 104 -11.31 -10.04 -9.08
C TYR A 104 -9.99 -9.41 -8.68
N LEU A 105 -10.01 -8.70 -7.55
CA LEU A 105 -8.80 -8.25 -6.86
C LEU A 105 -8.51 -9.18 -5.69
N ASP A 106 -7.24 -9.40 -5.39
CA ASP A 106 -6.91 -10.14 -4.17
C ASP A 106 -7.15 -9.32 -2.92
N LEU A 107 -6.99 -7.99 -3.01
CA LEU A 107 -7.15 -7.12 -1.86
C LEU A 107 -7.57 -5.74 -2.36
N TYR A 108 -8.60 -5.18 -1.76
CA TYR A 108 -9.06 -3.82 -2.08
C TYR A 108 -9.08 -3.01 -0.80
N LEU A 109 -8.38 -1.88 -0.81
CA LEU A 109 -8.20 -1.05 0.38
C LEU A 109 -8.98 0.25 0.29
N ILE A 110 -9.52 0.71 1.43
CA ILE A 110 -9.91 2.12 1.52
C ILE A 110 -8.62 2.94 1.57
N HIS A 111 -8.38 3.76 0.54
CA HIS A 111 -7.04 4.36 0.36
C HIS A 111 -6.67 5.28 1.51
N TRP A 112 -7.63 6.10 1.96
CA TRP A 112 -7.49 6.99 3.10
C TRP A 112 -8.81 6.98 3.86
N PRO A 113 -8.78 7.25 5.17
CA PRO A 113 -10.04 7.29 5.92
C PRO A 113 -10.93 8.48 5.57
N THR A 114 -10.38 9.49 4.89
CA THR A 114 -11.07 10.73 4.55
C THR A 114 -11.87 10.58 3.25
N GLY A 115 -13.18 10.80 3.34
CA GLY A 115 -14.01 10.89 2.15
C GLY A 115 -14.08 12.32 1.65
N PHE A 116 -14.02 12.48 0.32
CA PHE A 116 -14.11 13.78 -0.33
C PHE A 116 -15.37 13.85 -1.19
N LYS A 117 -15.82 15.08 -1.45
CA LYS A 117 -16.97 15.29 -2.32
C LYS A 117 -16.79 14.58 -3.67
N PRO A 118 -17.76 13.78 -4.14
N PRO A 118 -17.79 13.84 -4.16
CA PRO A 118 -17.60 13.14 -5.44
CA PRO A 118 -17.63 13.15 -5.44
C PRO A 118 -17.60 14.14 -6.59
C PRO A 118 -17.65 14.11 -6.61
N GLY A 119 -17.00 13.70 -7.69
CA GLY A 119 -16.88 14.52 -8.86
C GLY A 119 -15.64 14.11 -9.64
N LYS A 120 -15.35 14.87 -10.70
CA LYS A 120 -14.22 14.52 -11.55
C LYS A 120 -12.89 14.74 -10.84
N GLU A 121 -12.82 15.75 -9.97
N GLU A 121 -12.82 15.74 -9.95
CA GLU A 121 -11.58 16.11 -9.30
CA GLU A 121 -11.56 16.11 -9.32
C GLU A 121 -11.26 15.13 -8.17
C GLU A 121 -11.24 15.18 -8.16
N PHE A 122 -10.02 14.64 -8.15
CA PHE A 122 -9.60 13.75 -7.08
C PHE A 122 -9.38 14.47 -5.75
N PHE A 123 -9.04 15.77 -5.78
CA PHE A 123 -8.86 16.58 -4.58
C PHE A 123 -9.68 17.86 -4.75
N PRO A 124 -10.99 17.79 -4.52
CA PRO A 124 -11.80 19.01 -4.59
C PRO A 124 -11.43 19.93 -3.43
N LEU A 125 -10.95 21.14 -3.73
CA LEU A 125 -10.49 22.06 -2.68
C LEU A 125 -11.38 23.30 -2.62
N ASP A 126 -11.38 23.94 -1.44
CA ASP A 126 -11.97 25.26 -1.26
C ASP A 126 -10.89 26.35 -1.21
N GLU A 127 -11.32 27.60 -0.99
CA GLU A 127 -10.43 28.75 -1.09
C GLU A 127 -9.41 28.83 0.04
N SER A 128 -9.60 28.08 1.13
CA SER A 128 -8.60 27.99 2.18
C SER A 128 -7.51 26.98 1.85
N GLY A 129 -7.62 26.26 0.72
CA GLY A 129 -6.72 25.18 0.39
C GLY A 129 -7.09 23.87 1.02
N ASN A 130 -8.22 23.80 1.73
CA ASN A 130 -8.64 22.59 2.41
C ASN A 130 -9.59 21.79 1.54
N VAL A 131 -9.56 20.48 1.73
CA VAL A 131 -10.38 19.61 0.91
C VAL A 131 -11.86 19.80 1.25
N VAL A 132 -12.71 19.57 0.25
CA VAL A 132 -14.16 19.54 0.46
C VAL A 132 -14.55 18.12 0.85
N PRO A 133 -14.97 17.88 2.08
N PRO A 133 -15.01 17.87 2.07
CA PRO A 133 -15.26 16.51 2.51
CA PRO A 133 -15.31 16.50 2.49
C PRO A 133 -16.60 16.02 1.98
C PRO A 133 -16.58 15.93 1.88
N SER A 134 -16.81 14.71 2.13
N SER A 134 -16.70 14.60 1.97
CA SER A 134 -18.14 14.12 2.00
CA SER A 134 -17.96 13.91 1.84
C SER A 134 -18.59 13.65 3.37
C SER A 134 -18.59 13.75 3.23
N ASP A 135 -19.91 13.61 3.56
N ASP A 135 -19.93 13.70 3.26
CA ASP A 135 -20.49 13.24 4.84
CA ASP A 135 -20.63 13.31 4.48
C ASP A 135 -20.66 11.74 5.04
C ASP A 135 -20.70 11.78 4.58
N THR A 136 -20.20 10.91 4.11
N THR A 136 -19.52 11.18 4.56
CA THR A 136 -20.37 9.47 4.26
CA THR A 136 -19.39 9.75 4.73
C THR A 136 -19.49 8.97 5.38
C THR A 136 -18.53 9.46 5.95
N ASN A 137 -20.09 8.32 6.38
N ASN A 137 -18.70 8.27 6.48
CA ASN A 137 -19.32 7.79 7.49
CA ASN A 137 -17.93 7.83 7.63
C ASN A 137 -18.54 6.56 7.03
C ASN A 137 -17.31 6.50 7.30
N ILE A 138 -17.33 6.41 7.59
N ILE A 138 -16.28 6.13 8.08
CA ILE A 138 -16.41 5.39 7.10
CA ILE A 138 -15.55 4.92 7.74
C ILE A 138 -16.93 3.99 7.41
C ILE A 138 -16.43 3.68 7.89
N LEU A 139 -17.57 3.79 8.56
CA LEU A 139 -18.31 2.56 8.80
C LEU A 139 -19.26 2.21 7.66
N ASP A 140 -19.92 3.21 7.07
CA ASP A 140 -20.78 2.92 5.93
C ASP A 140 -19.94 2.59 4.69
N THR A 141 -18.81 3.27 4.50
CA THR A 141 -17.92 2.88 3.41
C THR A 141 -17.44 1.44 3.61
N TRP A 142 -17.16 1.06 4.86
CA TRP A 142 -16.73 -0.31 5.14
C TRP A 142 -17.81 -1.32 4.75
N ALA A 143 -19.08 -1.03 5.06
CA ALA A 143 -20.15 -1.94 4.66
C ALA A 143 -20.20 -2.10 3.14
N ALA A 144 -19.95 -1.01 2.40
CA ALA A 144 -19.93 -1.13 0.95
C ALA A 144 -18.76 -1.99 0.48
N MET A 145 -17.61 -1.89 1.17
CA MET A 145 -16.49 -2.77 0.86
C MET A 145 -16.83 -4.23 1.12
N GLU A 146 -17.53 -4.50 2.23
CA GLU A 146 -17.94 -5.86 2.54
C GLU A 146 -18.81 -6.45 1.43
N GLU A 147 -19.67 -5.61 0.84
N GLU A 147 -19.67 -5.61 0.84
CA GLU A 147 -20.51 -6.10 -0.25
CA GLU A 147 -20.51 -6.10 -0.25
C GLU A 147 -19.66 -6.60 -1.41
C GLU A 147 -19.68 -6.58 -1.43
N LEU A 148 -18.53 -5.95 -1.68
CA LEU A 148 -17.67 -6.37 -2.79
C LEU A 148 -17.16 -7.80 -2.58
N VAL A 149 -16.85 -8.17 -1.34
CA VAL A 149 -16.45 -9.54 -1.05
C VAL A 149 -17.60 -10.48 -1.37
N ASP A 150 -18.81 -10.12 -0.94
CA ASP A 150 -19.96 -10.99 -1.12
C ASP A 150 -20.42 -11.07 -2.56
N GLU A 151 -19.97 -10.16 -3.41
CA GLU A 151 -20.25 -10.21 -4.84
C GLU A 151 -19.14 -10.86 -5.66
N GLY A 152 -18.06 -11.27 -5.01
CA GLY A 152 -16.99 -11.94 -5.71
C GLY A 152 -16.02 -11.03 -6.43
N LEU A 153 -16.12 -9.72 -6.23
N LEU A 153 -16.14 -9.71 -6.25
CA LEU A 153 -15.25 -8.79 -6.94
CA LEU A 153 -15.25 -8.78 -6.95
C LEU A 153 -13.89 -8.66 -6.29
C LEU A 153 -13.87 -8.74 -6.30
N VAL A 154 -13.79 -8.94 -4.99
CA VAL A 154 -12.53 -8.87 -4.26
C VAL A 154 -12.48 -10.03 -3.27
N LYS A 155 -11.28 -10.58 -3.06
N LYS A 155 -11.28 -10.58 -3.05
CA LYS A 155 -11.11 -11.70 -2.14
CA LYS A 155 -11.14 -11.70 -2.13
C LYS A 155 -10.94 -11.22 -0.70
C LYS A 155 -10.83 -11.26 -0.71
N ALA A 156 -10.36 -10.03 -0.52
CA ALA A 156 -10.09 -9.48 0.78
C ALA A 156 -10.27 -7.98 0.70
N ILE A 157 -10.61 -7.38 1.84
CA ILE A 157 -10.72 -5.93 1.97
C ILE A 157 -9.85 -5.46 3.14
N GLY A 158 -9.41 -4.22 3.04
CA GLY A 158 -8.60 -3.63 4.08
C GLY A 158 -8.62 -2.12 4.00
N ILE A 159 -7.68 -1.52 4.73
CA ILE A 159 -7.65 -0.09 4.98
C ILE A 159 -6.22 0.40 4.78
N SER A 160 -6.08 1.71 4.66
CA SER A 160 -4.77 2.31 4.46
C SER A 160 -4.76 3.69 5.10
N ASN A 161 -3.67 4.02 5.77
CA ASN A 161 -3.54 5.29 6.46
C ASN A 161 -4.58 5.48 7.56
N PHE A 162 -5.02 4.38 8.17
CA PHE A 162 -5.91 4.46 9.33
C PHE A 162 -5.07 4.46 10.61
N ASN A 163 -5.35 5.40 11.50
CA ASN A 163 -4.70 5.42 12.81
C ASN A 163 -5.36 4.39 13.73
N HIS A 164 -4.78 4.20 14.93
CA HIS A 164 -5.27 3.08 15.73
C HIS A 164 -6.70 3.27 16.18
N LEU A 165 -7.14 4.51 16.43
CA LEU A 165 -8.54 4.69 16.81
C LEU A 165 -9.47 4.41 15.64
N GLN A 166 -9.03 4.70 14.41
CA GLN A 166 -9.83 4.40 13.24
C GLN A 166 -9.90 2.90 12.97
N VAL A 167 -8.78 2.19 13.15
CA VAL A 167 -8.83 0.73 13.07
C VAL A 167 -9.80 0.21 14.11
N GLU A 168 -9.70 0.72 15.33
CA GLU A 168 -10.57 0.28 16.41
C GLU A 168 -12.04 0.55 16.08
N MET A 169 -12.33 1.68 15.44
N MET A 169 -12.33 1.68 15.42
CA MET A 169 -13.71 1.99 15.09
CA MET A 169 -13.71 1.96 15.04
C MET A 169 -14.30 0.90 14.19
C MET A 169 -14.24 0.90 14.08
N ILE A 170 -13.54 0.48 13.17
N ILE A 170 -13.43 0.44 13.12
CA ILE A 170 -14.04 -0.60 12.32
CA ILE A 170 -13.87 -0.62 12.23
C ILE A 170 -14.17 -1.88 13.13
C ILE A 170 -14.07 -1.92 12.99
N LEU A 171 -13.13 -2.24 13.88
CA LEU A 171 -13.20 -3.49 14.62
C LEU A 171 -14.39 -3.51 15.56
N ASN A 172 -14.83 -2.34 16.03
CA ASN A 172 -16.00 -2.20 16.87
C ASN A 172 -17.27 -1.85 16.09
N LYS A 173 -17.23 -1.88 14.75
CA LYS A 173 -18.40 -1.46 13.96
C LYS A 173 -19.60 -2.33 14.31
N PRO A 174 -20.77 -1.75 14.57
CA PRO A 174 -21.96 -2.59 14.75
C PRO A 174 -22.21 -3.45 13.52
N GLY A 175 -22.34 -4.75 13.75
CA GLY A 175 -22.65 -5.63 12.65
C GLY A 175 -21.49 -5.89 11.71
N LEU A 176 -20.26 -5.65 12.15
CA LEU A 176 -19.09 -5.93 11.32
C LEU A 176 -19.16 -7.35 10.75
N LYS A 177 -18.97 -7.46 9.44
CA LYS A 177 -19.01 -8.76 8.78
C LYS A 177 -17.62 -9.30 8.46
N TYR A 178 -16.74 -8.46 7.92
CA TYR A 178 -15.37 -8.87 7.63
C TYR A 178 -14.42 -7.89 8.27
N LYS A 179 -13.48 -8.41 9.08
CA LYS A 179 -12.43 -7.56 9.62
C LYS A 179 -11.50 -7.13 8.49
N PRO A 180 -10.87 -5.96 8.63
CA PRO A 180 -9.82 -5.61 7.66
C PRO A 180 -8.73 -6.66 7.66
N ALA A 181 -8.29 -7.05 6.46
CA ALA A 181 -7.19 -8.01 6.36
C ALA A 181 -5.83 -7.35 6.51
N VAL A 182 -5.73 -6.09 6.10
CA VAL A 182 -4.48 -5.35 5.98
C VAL A 182 -4.75 -3.89 6.35
N ASN A 183 -3.77 -3.27 7.00
CA ASN A 183 -3.65 -1.82 7.07
C ASN A 183 -2.32 -1.45 6.41
N GLN A 184 -2.39 -0.71 5.31
CA GLN A 184 -1.20 -0.28 4.58
C GLN A 184 -0.83 1.14 5.04
N ILE A 185 0.38 1.28 5.60
CA ILE A 185 0.81 2.53 6.23
C ILE A 185 2.24 2.82 5.82
N GLU A 186 2.62 4.09 5.92
CA GLU A 186 3.99 4.47 5.66
C GLU A 186 4.88 3.88 6.76
N CYS A 187 6.02 3.30 6.38
CA CYS A 187 6.90 2.74 7.41
C CYS A 187 8.30 2.56 6.86
N HIS A 188 9.28 3.09 7.60
CA HIS A 188 10.68 3.06 7.24
C HIS A 188 11.48 3.49 8.46
N PRO A 189 12.81 3.49 8.43
CA PRO A 189 13.57 3.82 9.65
C PRO A 189 13.32 5.21 10.21
N TYR A 190 12.77 6.16 9.45
CA TYR A 190 12.46 7.48 10.00
C TYR A 190 11.01 7.59 10.48
N LEU A 191 10.21 6.53 10.32
CA LEU A 191 8.80 6.48 10.73
C LEU A 191 8.51 5.01 11.03
N THR A 192 8.92 4.57 12.23
CA THR A 192 9.01 3.15 12.51
C THR A 192 7.70 2.51 12.96
N GLN A 193 6.75 3.29 13.49
CA GLN A 193 5.37 2.83 13.67
C GLN A 193 5.22 1.69 14.68
N GLU A 194 6.05 1.63 15.73
CA GLU A 194 5.96 0.50 16.66
C GLU A 194 4.55 0.34 17.23
N LYS A 195 3.94 1.44 17.67
CA LYS A 195 2.65 1.34 18.35
C LYS A 195 1.56 0.85 17.41
N LEU A 196 1.45 1.46 16.22
CA LEU A 196 0.37 1.08 15.31
C LEU A 196 0.57 -0.33 14.78
N ILE A 197 1.82 -0.71 14.49
CA ILE A 197 2.09 -2.06 14.01
C ILE A 197 1.68 -3.10 15.06
N GLN A 198 2.12 -2.90 16.31
N GLN A 198 2.11 -2.90 16.31
CA GLN A 198 1.78 -3.86 17.36
CA GLN A 198 1.78 -3.88 17.34
C GLN A 198 0.27 -3.98 17.51
C GLN A 198 0.26 -3.98 17.53
N TYR A 199 -0.44 -2.84 17.49
CA TYR A 199 -1.88 -2.88 17.63
C TYR A 199 -2.51 -3.70 16.51
N CYS A 200 -2.17 -3.39 15.27
CA CYS A 200 -2.76 -4.12 14.16
C CYS A 200 -2.44 -5.60 14.22
N GLN A 201 -1.17 -5.96 14.44
CA GLN A 201 -0.79 -7.36 14.46
C GLN A 201 -1.50 -8.10 15.59
N SER A 202 -1.71 -7.43 16.73
CA SER A 202 -2.39 -8.07 17.86
C SER A 202 -3.84 -8.42 17.53
N LYS A 203 -4.43 -7.76 16.53
CA LYS A 203 -5.79 -8.01 16.10
C LYS A 203 -5.85 -8.89 14.86
N GLY A 204 -4.72 -9.42 14.42
CA GLY A 204 -4.68 -10.28 13.26
C GLY A 204 -4.70 -9.55 11.93
N ILE A 205 -4.44 -8.24 11.95
CA ILE A 205 -4.39 -7.42 10.74
C ILE A 205 -2.93 -7.35 10.29
N VAL A 206 -2.66 -7.71 9.04
CA VAL A 206 -1.31 -7.64 8.48
C VAL A 206 -1.02 -6.20 8.08
N VAL A 207 0.19 -5.74 8.36
CA VAL A 207 0.58 -4.39 7.99
C VAL A 207 1.48 -4.44 6.77
N THR A 208 1.16 -3.60 5.78
CA THR A 208 2.02 -3.35 4.64
C THR A 208 2.69 -1.99 4.81
N ALA A 209 4.02 -1.99 4.64
CA ALA A 209 4.85 -0.79 4.71
C ALA A 209 5.01 -0.17 3.32
N TYR A 210 4.55 1.07 3.18
CA TYR A 210 4.76 1.84 1.97
C TYR A 210 5.88 2.87 2.15
N SER A 211 6.36 3.38 1.01
CA SER A 211 7.51 4.27 0.94
C SER A 211 8.71 3.72 1.75
N PRO A 212 9.05 2.43 1.58
CA PRO A 212 10.11 1.85 2.42
C PRO A 212 11.49 2.42 2.14
N LEU A 213 11.71 2.98 0.94
CA LEU A 213 12.97 3.61 0.58
C LEU A 213 12.96 5.11 0.85
N GLY A 214 11.88 5.62 1.44
CA GLY A 214 11.73 7.04 1.68
C GLY A 214 11.25 7.84 0.49
N SER A 215 10.74 7.18 -0.54
CA SER A 215 10.12 7.87 -1.68
C SER A 215 10.97 9.02 -2.21
N PRO A 216 12.19 8.74 -2.68
CA PRO A 216 13.03 9.84 -3.21
C PRO A 216 12.42 10.57 -4.40
N ASP A 217 11.49 9.96 -5.12
CA ASP A 217 10.81 10.62 -6.24
C ASP A 217 9.50 11.30 -5.85
N ARG A 218 9.20 11.41 -4.56
CA ARG A 218 7.98 12.10 -4.15
C ARG A 218 7.98 13.52 -4.71
N PRO A 219 6.82 14.04 -5.14
CA PRO A 219 6.82 15.30 -5.89
C PRO A 219 7.19 16.52 -5.07
N TRP A 220 7.09 16.46 -3.74
CA TRP A 220 7.28 17.60 -2.86
C TRP A 220 8.59 17.54 -2.09
N ALA A 221 9.53 16.70 -2.55
CA ALA A 221 10.82 16.60 -1.89
C ALA A 221 11.52 17.95 -1.85
N LYS A 222 12.17 18.25 -0.73
CA LYS A 222 12.97 19.44 -0.55
C LYS A 222 14.41 19.05 -0.22
N PRO A 223 15.39 19.87 -0.60
CA PRO A 223 16.81 19.49 -0.38
C PRO A 223 17.15 19.21 1.08
N GLU A 224 16.55 19.94 2.01
CA GLU A 224 16.88 19.80 3.43
C GLU A 224 16.23 18.58 4.08
N ASP A 225 15.43 17.82 3.34
CA ASP A 225 14.76 16.66 3.90
C ASP A 225 15.79 15.56 4.18
N PRO A 226 15.53 14.70 5.16
CA PRO A 226 16.41 13.55 5.36
C PRO A 226 16.29 12.60 4.18
N SER A 227 17.26 11.69 4.07
CA SER A 227 17.36 10.79 2.92
C SER A 227 17.86 9.42 3.39
N LEU A 228 16.95 8.43 3.42
CA LEU A 228 17.32 7.11 3.89
C LEU A 228 18.41 6.49 3.04
N LEU A 229 18.25 6.59 1.71
CA LEU A 229 19.19 5.92 0.83
C LEU A 229 20.59 6.49 0.95
N GLU A 230 20.73 7.71 1.45
CA GLU A 230 22.03 8.34 1.61
C GLU A 230 22.48 8.42 3.06
N ASP A 231 21.75 7.83 4.00
CA ASP A 231 22.11 7.88 5.41
C ASP A 231 23.33 7.01 5.65
N PRO A 232 24.46 7.57 6.07
CA PRO A 232 25.67 6.74 6.19
C PRO A 232 25.53 5.62 7.18
N ARG A 233 24.65 5.75 8.17
CA ARG A 233 24.48 4.69 9.15
C ARG A 233 23.84 3.47 8.51
N ILE A 234 22.89 3.71 7.60
CA ILE A 234 22.22 2.61 6.91
C ILE A 234 23.14 2.03 5.85
N LYS A 235 23.88 2.89 5.15
CA LYS A 235 24.88 2.41 4.21
C LYS A 235 25.89 1.49 4.89
N ALA A 236 26.26 1.81 6.14
CA ALA A 236 27.22 0.97 6.86
C ALA A 236 26.67 -0.43 7.13
N ILE A 237 25.38 -0.51 7.51
CA ILE A 237 24.77 -1.82 7.72
C ILE A 237 24.73 -2.60 6.42
N ALA A 238 24.37 -1.93 5.32
CA ALA A 238 24.38 -2.57 4.02
C ALA A 238 25.76 -3.10 3.66
N ALA A 239 26.80 -2.28 3.85
CA ALA A 239 28.15 -2.71 3.50
C ALA A 239 28.56 -3.93 4.31
N LYS A 240 28.21 -3.97 5.59
N LYS A 240 28.20 -3.96 5.59
CA LYS A 240 28.57 -5.11 6.43
CA LYS A 240 28.55 -5.09 6.45
C LYS A 240 27.97 -6.39 5.89
C LYS A 240 27.95 -6.39 5.94
N HIS A 241 26.76 -6.32 5.35
CA HIS A 241 26.06 -7.48 4.82
C HIS A 241 26.31 -7.70 3.33
N ASN A 242 27.15 -6.89 2.69
N ASN A 242 27.15 -6.88 2.71
CA ASN A 242 27.41 -6.99 1.25
CA ASN A 242 27.41 -6.96 1.26
C ASN A 242 26.12 -6.87 0.43
C ASN A 242 26.11 -6.88 0.45
N LYS A 243 25.25 -5.95 0.82
N LYS A 243 25.24 -5.95 0.82
CA LYS A 243 23.99 -5.68 0.13
CA LYS A 243 23.98 -5.69 0.14
C LYS A 243 23.90 -4.19 -0.15
C LYS A 243 23.89 -4.20 -0.14
N THR A 244 22.92 -3.79 -0.95
CA THR A 244 22.71 -2.38 -1.18
C THR A 244 21.87 -1.78 -0.04
N THR A 245 21.93 -0.45 0.06
N THR A 245 21.90 -0.44 0.05
CA THR A 245 21.11 0.24 1.06
CA THR A 245 21.11 0.22 1.08
C THR A 245 19.64 -0.07 0.83
C THR A 245 19.61 0.03 0.84
N ALA A 246 19.18 -0.06 -0.42
CA ALA A 246 17.79 -0.38 -0.72
C ALA A 246 17.44 -1.78 -0.23
N GLN A 247 18.34 -2.75 -0.42
CA GLN A 247 18.07 -4.11 0.02
C GLN A 247 17.92 -4.19 1.54
N VAL A 248 18.73 -3.44 2.29
CA VAL A 248 18.54 -3.37 3.75
C VAL A 248 17.20 -2.76 4.10
N LEU A 249 16.83 -1.67 3.40
CA LEU A 249 15.58 -0.99 3.68
C LEU A 249 14.35 -1.87 3.36
N ILE A 250 14.48 -2.81 2.43
CA ILE A 250 13.41 -3.74 2.11
C ILE A 250 13.38 -4.91 3.09
N ARG A 251 14.54 -5.44 3.46
CA ARG A 251 14.59 -6.55 4.39
C ARG A 251 14.10 -6.15 5.78
N PHE A 252 14.36 -4.92 6.20
CA PHE A 252 13.98 -4.41 7.52
C PHE A 252 12.51 -4.68 7.83
N PRO A 253 11.55 -4.20 7.03
CA PRO A 253 10.15 -4.48 7.35
C PRO A 253 9.81 -5.97 7.26
N MET A 254 10.45 -6.70 6.34
CA MET A 254 10.18 -8.14 6.24
C MET A 254 10.42 -8.83 7.57
N GLN A 255 11.46 -8.45 8.29
CA GLN A 255 11.79 -9.09 9.57
C GLN A 255 10.92 -8.62 10.72
N ARG A 256 10.03 -7.66 10.50
CA ARG A 256 9.02 -7.24 11.45
C ARG A 256 7.67 -7.87 11.14
N ASN A 257 7.66 -8.89 10.27
CA ASN A 257 6.44 -9.56 9.83
C ASN A 257 5.51 -8.63 9.06
N LEU A 258 6.10 -7.68 8.35
CA LEU A 258 5.38 -6.77 7.47
C LEU A 258 5.50 -7.22 6.02
N VAL A 259 4.54 -6.80 5.23
CA VAL A 259 4.62 -6.81 3.77
C VAL A 259 5.25 -5.49 3.35
N VAL A 260 6.01 -5.46 2.25
CA VAL A 260 6.70 -4.25 1.82
C VAL A 260 6.60 -4.12 0.30
N ILE A 261 6.43 -2.88 -0.18
CA ILE A 261 6.08 -2.62 -1.58
C ILE A 261 6.96 -1.54 -2.22
N PRO A 262 8.27 -1.77 -2.32
CA PRO A 262 9.14 -0.80 -2.99
C PRO A 262 8.73 -0.59 -4.44
N LYS A 263 8.79 0.68 -4.88
CA LYS A 263 8.49 1.07 -6.25
C LYS A 263 9.77 1.25 -7.06
N SER A 264 9.77 0.73 -8.28
CA SER A 264 10.78 1.08 -9.26
C SER A 264 10.20 0.87 -10.65
N VAL A 265 10.67 1.68 -11.60
CA VAL A 265 10.50 1.43 -13.03
C VAL A 265 11.82 1.07 -13.71
N THR A 266 12.89 0.90 -12.94
CA THR A 266 14.21 0.63 -13.51
C THR A 266 14.44 -0.87 -13.49
N PRO A 267 14.58 -1.53 -14.65
CA PRO A 267 14.70 -3.00 -14.64
C PRO A 267 15.75 -3.55 -13.67
N GLU A 268 16.95 -2.97 -13.66
N GLU A 268 16.94 -2.96 -13.64
CA GLU A 268 17.99 -3.49 -12.78
CA GLU A 268 17.99 -3.50 -12.78
C GLU A 268 17.57 -3.39 -11.32
C GLU A 268 17.63 -3.36 -11.30
N ARG A 269 16.96 -2.27 -10.92
CA ARG A 269 16.54 -2.09 -9.54
C ARG A 269 15.39 -3.02 -9.17
N ILE A 270 14.46 -3.22 -10.11
CA ILE A 270 13.37 -4.15 -9.85
C ILE A 270 13.94 -5.52 -9.48
N ALA A 271 14.90 -6.00 -10.25
CA ALA A 271 15.53 -7.29 -9.95
C ALA A 271 16.31 -7.25 -8.64
N GLU A 272 17.12 -6.19 -8.42
CA GLU A 272 17.91 -6.07 -7.19
C GLU A 272 17.03 -6.08 -5.95
N ASN A 273 15.92 -5.35 -6.02
CA ASN A 273 15.05 -5.19 -4.85
C ASN A 273 14.41 -6.50 -4.44
N PHE A 274 14.33 -7.48 -5.35
CA PHE A 274 13.76 -8.77 -5.01
C PHE A 274 14.77 -9.70 -4.35
N LYS A 275 16.06 -9.39 -4.43
CA LYS A 275 17.12 -10.27 -3.93
C LYS A 275 17.38 -9.98 -2.45
N VAL A 276 16.36 -10.28 -1.65
CA VAL A 276 16.34 -9.94 -0.23
C VAL A 276 15.90 -11.12 0.63
N PHE A 277 15.84 -12.32 0.05
CA PHE A 277 15.43 -13.50 0.79
C PHE A 277 16.62 -14.36 1.23
N ASP A 278 17.85 -13.88 1.01
CA ASP A 278 19.07 -14.66 1.19
C ASP A 278 20.02 -14.09 2.23
N PHE A 279 19.58 -13.14 3.05
CA PHE A 279 20.42 -12.60 4.11
C PHE A 279 19.51 -12.21 5.27
N GLU A 280 20.11 -12.06 6.45
CA GLU A 280 19.36 -11.71 7.65
C GLU A 280 20.03 -10.53 8.34
N LEU A 281 19.22 -9.56 8.72
CA LEU A 281 19.64 -8.52 9.65
C LEU A 281 19.63 -9.10 11.07
N SER A 282 20.64 -8.77 11.86
CA SER A 282 20.66 -9.23 13.25
C SER A 282 19.65 -8.45 14.08
N SER A 283 19.35 -8.98 15.27
N SER A 283 19.34 -8.96 15.28
CA SER A 283 18.50 -8.26 16.21
CA SER A 283 18.45 -8.19 16.15
C SER A 283 19.07 -6.88 16.49
C SER A 283 19.06 -6.85 16.53
N GLN A 284 20.39 -6.81 16.67
CA GLN A 284 21.06 -5.52 16.89
C GLN A 284 20.87 -4.59 15.70
N ASP A 285 21.02 -5.11 14.47
CA ASP A 285 20.73 -4.30 13.27
C ASP A 285 19.31 -3.76 13.31
N MET A 286 18.35 -4.63 13.65
CA MET A 286 16.94 -4.25 13.67
C MET A 286 16.68 -3.13 14.68
N THR A 287 17.21 -3.31 15.90
CA THR A 287 17.04 -2.30 16.93
C THR A 287 17.74 -1.00 16.55
N THR A 288 18.91 -1.11 15.92
CA THR A 288 19.62 0.08 15.46
C THR A 288 18.81 0.82 14.39
N LEU A 289 18.27 0.10 13.41
CA LEU A 289 17.43 0.76 12.40
C LEU A 289 16.20 1.40 13.03
N LEU A 290 15.57 0.71 14.00
CA LEU A 290 14.42 1.30 14.69
C LEU A 290 14.80 2.59 15.40
N SER A 291 16.04 2.68 15.88
CA SER A 291 16.45 3.85 16.64
C SER A 291 16.51 5.12 15.81
N TYR A 292 16.45 5.01 14.47
CA TYR A 292 16.51 6.16 13.60
C TYR A 292 15.17 6.88 13.47
N ASN A 293 14.13 6.41 14.14
CA ASN A 293 12.82 7.01 14.03
C ASN A 293 12.87 8.50 14.34
N ARG A 294 12.14 9.26 13.52
CA ARG A 294 11.92 10.67 13.82
C ARG A 294 10.50 11.10 13.50
N ASN A 295 9.57 10.15 13.32
CA ASN A 295 8.19 10.47 13.01
C ASN A 295 8.08 11.36 11.78
N TRP A 296 8.88 11.05 10.75
CA TRP A 296 8.97 11.86 9.54
C TRP A 296 8.18 11.19 8.42
N ARG A 297 7.21 11.92 7.85
CA ARG A 297 6.31 11.39 6.84
C ARG A 297 6.58 11.94 5.44
N VAL A 298 6.67 11.02 4.47
CA VAL A 298 6.51 11.33 3.05
C VAL A 298 5.10 11.81 2.77
N CYS A 299 4.11 11.08 3.29
CA CYS A 299 2.72 11.26 2.92
C CYS A 299 1.93 11.76 4.12
N ALA A 300 1.78 13.06 4.22
CA ALA A 300 1.06 13.70 5.32
C ALA A 300 -0.30 14.25 4.92
N LEU A 301 -0.71 14.13 3.65
CA LEU A 301 -2.05 14.52 3.20
C LEU A 301 -2.38 15.95 3.66
N LEU A 302 -1.50 16.87 3.33
CA LEU A 302 -1.51 18.20 3.94
C LEU A 302 -2.71 19.04 3.57
N SER A 303 -3.38 18.76 2.44
N SER A 303 -3.38 18.75 2.45
CA SER A 303 -4.58 19.52 2.10
CA SER A 303 -4.58 19.49 2.07
C SER A 303 -5.79 19.13 2.94
C SER A 303 -5.81 19.04 2.84
N CYS A 304 -5.67 18.08 3.77
CA CYS A 304 -6.80 17.48 4.47
C CYS A 304 -6.67 17.56 5.99
N THR A 305 -5.80 18.43 6.50
CA THR A 305 -5.51 18.46 7.94
C THR A 305 -6.67 18.94 8.80
N SER A 306 -7.76 19.47 8.22
CA SER A 306 -8.97 19.80 8.97
C SER A 306 -10.12 18.82 8.72
N HIS A 307 -9.92 17.83 7.87
CA HIS A 307 -10.96 16.84 7.66
C HIS A 307 -11.22 16.10 8.97
N LYS A 308 -12.48 15.80 9.27
CA LYS A 308 -12.78 15.21 10.56
C LYS A 308 -12.09 13.87 10.75
N ASP A 309 -11.78 13.18 9.65
CA ASP A 309 -11.15 11.87 9.68
C ASP A 309 -9.67 11.92 9.30
N TYR A 310 -9.04 13.11 9.30
CA TYR A 310 -7.61 13.18 9.07
C TYR A 310 -6.89 12.27 10.05
N PRO A 311 -5.97 11.42 9.58
CA PRO A 311 -5.47 10.35 10.46
C PRO A 311 -4.31 10.71 11.37
N PHE A 312 -3.58 11.80 11.09
CA PHE A 312 -2.26 11.98 11.68
C PHE A 312 -2.19 13.07 12.75
N HIS A 313 -3.34 13.43 13.37
CA HIS A 313 -3.30 14.23 14.60
C HIS A 313 -3.02 13.35 15.82
N GLU A 314 -3.56 12.13 15.83
CA GLU A 314 -3.41 11.22 16.96
C GLU A 314 -2.00 10.67 17.01
N GLU A 315 -1.56 10.30 18.22
CA GLU A 315 -0.21 9.79 18.41
C GLU A 315 0.07 8.61 17.50
N PHE A 316 -0.85 7.66 17.46
CA PHE A 316 -0.76 6.56 16.51
C PHE A 316 -2.16 6.08 16.17
PA NAP B . 9.67 4.05 -2.43
O1A NAP B . 10.12 4.27 -1.03
O2A NAP B . 9.27 2.70 -2.90
O5B NAP B . 10.79 4.72 -3.37
C5B NAP B . 10.64 4.74 -4.81
C4B NAP B . 11.82 5.50 -5.34
O4B NAP B . 13.04 4.78 -5.04
C3B NAP B . 11.84 5.75 -6.85
O3B NAP B . 12.42 7.03 -7.06
C2B NAP B . 12.75 4.64 -7.36
O2B NAP B . 13.41 5.01 -8.59
C1B NAP B . 13.77 4.55 -6.23
N9A NAP B . 14.42 3.25 -6.11
C8A NAP B . 13.81 2.02 -6.19
N7A NAP B . 14.62 1.01 -6.01
C5A NAP B . 15.85 1.61 -5.81
C6A NAP B . 17.14 1.08 -5.61
N6A NAP B . 17.39 -0.23 -5.55
N1A NAP B . 18.16 1.95 -5.47
C2A NAP B . 17.90 3.26 -5.53
N3A NAP B . 16.74 3.88 -5.72
C4A NAP B . 15.75 2.99 -5.87
O3 NAP B . 8.47 5.09 -2.68
PN NAP B . 6.89 5.11 -2.89
O1N NAP B . 6.58 4.95 -4.33
O2N NAP B . 6.38 6.32 -2.19
O5D NAP B . 6.32 3.88 -2.04
C5D NAP B . 6.22 2.54 -2.59
C4D NAP B . 4.81 2.23 -3.00
O4D NAP B . 3.92 2.25 -1.86
C3D NAP B . 4.14 3.23 -3.95
O3D NAP B . 4.63 3.17 -5.28
C2D NAP B . 2.67 2.81 -3.79
O2D NAP B . 2.49 1.60 -4.52
C1D NAP B . 2.61 2.59 -2.27
N1N NAP B . 2.17 3.81 -1.51
C2N NAP B . 0.93 3.83 -0.99
C3N NAP B . 0.46 4.93 -0.31
C7N NAP B . -0.87 4.92 0.38
O7N NAP B . -1.39 5.99 0.73
N7N NAP B . -1.43 3.74 0.60
C4N NAP B . 1.28 6.06 -0.22
C5N NAP B . 2.56 6.02 -0.74
C6N NAP B . 3.00 4.87 -1.37
P2B NAP B . 13.05 4.39 -10.02
O1X NAP B . 11.61 4.07 -10.03
O2X NAP B . 13.45 5.52 -10.97
O3X NAP B . 13.94 3.17 -10.18
HOA2 NAP B . 9.85 1.90 -2.91
H51A NAP B . 10.63 3.72 -5.20
H52A NAP B . 9.71 5.21 -5.10
H4B NAP B . 11.95 6.44 -4.80
H3B NAP B . 10.87 5.78 -7.35
HO3A NAP B . 12.79 7.05 -7.98
H2B NAP B . 12.19 3.72 -7.56
H1B NAP B . 14.54 5.31 -6.27
H8A NAP B . 12.74 1.88 -6.37
H61A NAP B . 18.26 -0.60 -5.94
H62A NAP B . 16.72 -0.86 -5.13
H2A NAP B . 18.78 3.91 -5.41
H51N NAP B . 6.90 2.46 -3.43
H52N NAP B . 6.56 1.84 -1.84
H4D NAP B . 4.82 1.22 -3.41
H3D NAP B . 4.26 4.26 -3.65
HO3N NAP B . 5.38 3.81 -5.33
H2D NAP B . 1.90 3.50 -4.14
HO2N NAP B . 1.52 1.44 -4.67
H1D NAP B . 1.97 1.77 -1.97
H2N NAP B . 0.31 2.94 -1.11
H71N NAP B . -2.33 3.67 1.07
H72N NAP B . -0.97 2.88 0.31
H4N NAP B . 0.91 6.96 0.26
H5N NAP B . 3.22 6.88 -0.66
H6N NAP B . 4.01 4.82 -1.76
HOP2 NAP B . 13.23 5.49 -11.93
HOP3 NAP B . 14.06 2.66 -11.03
C QXO C . -1.23 7.95 -2.27
C QXO C . -0.10 7.34 -2.65
F QXO C . 0.07 12.37 1.20
F QXO C . -1.72 9.78 -7.12
N QXO C . -0.50 10.15 -3.10
N QXO C . -0.01 9.82 -2.57
O QXO C . -1.05 6.65 -2.37
O QXO C . 0.56 6.27 -3.03
C1 QXO C . -0.11 8.75 -2.87
C1 QXO C . 0.75 8.58 -2.45
O1 QXO C . -2.19 8.44 -1.74
O1 QXO C . -1.30 7.36 -2.46
C2 QXO C . -0.96 10.66 -4.29
C2 QXO C . -0.17 10.77 -1.59
C3 QXO C . -1.24 11.98 -4.15
C3 QXO C . -0.90 11.80 -2.06
C4 QXO C . -0.95 12.33 -2.79
C4 QXO C . -1.24 11.50 -3.41
C5 QXO C . -0.49 11.16 -2.16
C5 QXO C . -0.67 10.25 -3.71
C6 QXO C . -0.14 11.15 -0.81
C6 QXO C . -0.83 9.65 -4.95
C7 QXO C . -0.24 12.34 -0.13
C7 QXO C . -1.55 10.35 -5.89
C8 QXO C . -0.66 13.52 -0.71
C8 QXO C . -2.12 11.59 -5.67
C9 QXO C . -1.01 13.51 -2.05
C9 QXO C . -1.96 12.16 -4.42
C QXO D . 0.73 16.89 0.63
F QXO D . -0.48 16.17 -4.46
N QXO D . 2.23 18.09 -0.92
O QXO D . 0.65 16.00 1.58
C1 QXO D . 2.15 17.12 0.17
O1 QXO D . -0.23 17.49 0.19
C2 QXO D . 2.95 19.26 -0.91
C3 QXO D . 2.82 19.90 -2.09
C4 QXO D . 1.97 19.09 -2.91
C5 QXO D . 1.61 17.97 -2.15
C6 QXO D . 0.77 16.98 -2.66
C7 QXO D . 0.32 17.14 -3.95
C8 QXO D . 0.65 18.22 -4.74
C9 QXO D . 1.47 19.20 -4.22
S DMS E . 13.49 10.15 3.81
O DMS E . 14.24 9.15 3.01
C1 DMS E . 12.71 11.33 2.68
C2 DMS E . 12.00 9.32 4.43
C1 CIT F . -9.17 7.03 -17.96
O1 CIT F . -9.95 6.16 -17.52
O2 CIT F . -9.53 7.71 -18.96
C2 CIT F . -7.82 7.24 -17.32
C3 CIT F . -7.02 5.95 -17.24
O7 CIT F . -7.00 5.31 -18.54
C4 CIT F . -5.61 6.28 -16.76
C5 CIT F . -4.69 5.09 -16.95
O3 CIT F . -4.82 4.06 -16.25
O4 CIT F . -3.78 5.14 -17.80
C6 CIT F . -7.68 4.98 -16.27
O5 CIT F . -8.05 3.86 -16.68
O6 CIT F . -7.89 5.30 -15.07
C1 PEG G . 19.08 -13.53 17.35
O1 PEG G . 18.95 -12.93 18.61
C2 PEG G . 20.42 -13.14 16.74
O2 PEG G . 20.48 -11.77 16.40
C3 PEG G . 21.28 -11.62 15.27
C4 PEG G . 22.53 -12.47 15.37
O4 PEG G . 23.67 -11.76 14.95
#